data_4L8N
#
_entry.id   4L8N
#
_cell.length_a   104.093
_cell.length_b   104.093
_cell.length_c   96.277
_cell.angle_alpha   90.000
_cell.angle_beta   90.000
_cell.angle_gamma   120.000
#
_symmetry.space_group_name_H-M   'P 31 2 1'
#
loop_
_entity.id
_entity.type
_entity.pdbx_description
1 polymer 'PDZ domain protein'
2 non-polymer ETHANOL
3 non-polymer (4S)-2-METHYL-2,4-PENTANEDIOL
4 non-polymer 'MAGNESIUM ION'
5 water water
#
_entity_poly.entity_id   1
_entity_poly.type   'polypeptide(L)'
_entity_poly.pdbx_seq_one_letter_code
;GAQNRNTSICRLGFTYDISQSKNWGNNKPVIKSIIPYSSAEQAGIKKYDVIEEINGVPVTEVSVDEIPQLLNPAGRNDVL
LTISNLSSPSKQVLVKKDCKKSNAITEDQLASAYA(MSE)YSLETTNEQEFVCPFKTTVTSDGVDFGNFKTFAFSTIDEN
NRKLETVINECIENELTKKGLTVDIAKPDLLIQTFYFFDKNPNYLGANKVLVEKEPTYRYNFSHSK(MSE)EKFPFLNYA
AAEAEAEYLLQFGIRIIDQKDIPGRVLWECEANELLEDSYRLDEYARVHVPL(MSE)C(MSE)QYPYTKYGRNVPFKVSK
KTYNYTGISYDIDKLDQVVDVDRNSPAYAAGIRPRDIIEKIGRHK(MSE)DHSAEEFSSAYKRFITNT(MSE)QYRDPKT
(MSE)FTDANGFKYC(MSE)FWDVFKYPQIADASQSSDYLPAFSYLYYFAPYINPSGNNACTFNIKRGKTKLEVIIRPTI
RSEVTVEIK
;
_entity_poly.pdbx_strand_id   A
#
# COMPACT_ATOMS: atom_id res chain seq x y z
N ASN A 6 5.41 -13.08 27.76
CA ASN A 6 6.13 -14.30 28.14
C ASN A 6 6.48 -15.18 26.91
N THR A 7 5.53 -15.35 25.95
CA THR A 7 5.69 -16.12 24.70
C THR A 7 5.97 -15.12 23.56
N SER A 8 6.87 -15.45 22.61
CA SER A 8 7.20 -14.52 21.54
C SER A 8 6.44 -14.83 20.25
N ILE A 9 5.75 -13.81 19.69
CA ILE A 9 4.97 -13.84 18.44
C ILE A 9 5.90 -13.55 17.25
N CYS A 10 5.66 -14.19 16.10
CA CYS A 10 6.47 -14.03 14.90
C CYS A 10 5.62 -13.86 13.66
N ARG A 11 6.21 -13.18 12.68
CA ARG A 11 5.60 -12.81 11.41
C ARG A 11 6.63 -12.87 10.31
N LEU A 12 6.16 -13.02 9.08
CA LEU A 12 7.02 -12.89 7.92
C LEU A 12 6.69 -11.54 7.32
N GLY A 13 7.70 -10.85 6.83
CA GLY A 13 7.52 -9.49 6.32
C GLY A 13 6.79 -9.32 5.01
N PHE A 14 5.73 -10.10 4.77
CA PHE A 14 4.93 -9.99 3.54
C PHE A 14 3.56 -10.59 3.68
N THR A 15 2.61 -10.10 2.85
CA THR A 15 1.25 -10.65 2.71
C THR A 15 1.21 -11.41 1.39
N TYR A 16 0.42 -12.47 1.31
CA TYR A 16 0.33 -13.28 0.09
C TYR A 16 -1.06 -13.85 -0.15
N ASP A 17 -1.26 -14.42 -1.34
CA ASP A 17 -2.43 -15.16 -1.79
C ASP A 17 -2.03 -16.52 -2.27
N ILE A 18 -2.94 -17.47 -2.29
CA ILE A 18 -2.70 -18.72 -3.01
C ILE A 18 -3.35 -18.40 -4.37
N SER A 19 -2.51 -18.05 -5.37
CA SER A 19 -2.91 -17.60 -6.71
C SER A 19 -3.89 -18.53 -7.40
N GLN A 20 -4.93 -17.90 -7.94
CA GLN A 20 -6.01 -18.53 -8.71
C GLN A 20 -5.83 -18.17 -10.19
N SER A 21 -4.83 -17.32 -10.51
CA SER A 21 -4.47 -16.91 -11.87
C SER A 21 -3.83 -18.05 -12.61
N LYS A 22 -4.26 -18.30 -13.84
CA LYS A 22 -3.74 -19.38 -14.69
C LYS A 22 -2.40 -19.02 -15.33
N ASN A 23 -2.06 -17.73 -15.38
CA ASN A 23 -0.86 -17.25 -16.05
C ASN A 23 0.25 -16.78 -15.11
N TRP A 24 0.02 -16.83 -13.80
CA TRP A 24 1.01 -16.39 -12.81
C TRP A 24 0.94 -17.19 -11.54
N GLY A 25 1.95 -18.04 -11.32
CA GLY A 25 2.10 -18.88 -10.14
C GLY A 25 0.83 -19.55 -9.65
N ASN A 26 0.15 -20.29 -10.56
CA ASN A 26 -1.10 -20.99 -10.27
C ASN A 26 -0.95 -21.99 -9.11
N ASN A 27 -1.88 -21.88 -8.13
CA ASN A 27 -1.99 -22.70 -6.91
C ASN A 27 -0.66 -22.73 -6.11
N LYS A 28 0.02 -21.58 -6.10
CA LYS A 28 1.28 -21.33 -5.40
C LYS A 28 1.16 -20.02 -4.64
N PRO A 29 1.92 -19.76 -3.54
CA PRO A 29 1.81 -18.44 -2.90
C PRO A 29 2.43 -17.34 -3.77
N VAL A 30 1.70 -16.21 -3.94
CA VAL A 30 2.12 -15.03 -4.70
C VAL A 30 2.10 -13.87 -3.72
N ILE A 31 3.25 -13.19 -3.57
CA ILE A 31 3.42 -12.07 -2.65
C ILE A 31 2.66 -10.84 -3.16
N LYS A 32 1.80 -10.26 -2.29
CA LYS A 32 0.99 -9.09 -2.57
C LYS A 32 1.61 -7.78 -2.06
N SER A 33 2.22 -7.83 -0.88
CA SER A 33 2.83 -6.65 -0.28
C SER A 33 3.94 -7.04 0.66
N ILE A 34 4.93 -6.17 0.78
CA ILE A 34 6.08 -6.32 1.63
C ILE A 34 5.91 -5.37 2.79
N ILE A 35 6.17 -5.85 4.01
CA ILE A 35 6.05 -5.00 5.17
C ILE A 35 7.33 -4.13 5.31
N PRO A 36 7.20 -2.80 5.30
CA PRO A 36 8.39 -1.95 5.40
C PRO A 36 9.16 -2.19 6.68
N TYR A 37 10.49 -2.06 6.60
CA TYR A 37 11.40 -2.18 7.73
C TYR A 37 11.50 -3.64 8.24
N SER A 38 10.99 -4.63 7.45
CA SER A 38 11.00 -6.05 7.78
C SER A 38 12.24 -6.77 7.21
N SER A 39 12.48 -8.00 7.66
CA SER A 39 13.59 -8.81 7.22
C SER A 39 13.36 -9.32 5.80
N ALA A 40 12.11 -9.68 5.46
CA ALA A 40 11.73 -10.10 4.10
C ALA A 40 12.07 -8.98 3.08
N GLU A 41 11.80 -7.71 3.45
CA GLU A 41 12.14 -6.54 2.64
C GLU A 41 13.65 -6.48 2.36
N GLN A 42 14.44 -6.53 3.43
CA GLN A 42 15.89 -6.47 3.38
C GLN A 42 16.48 -7.67 2.59
N ALA A 43 15.85 -8.87 2.68
CA ALA A 43 16.31 -10.09 1.99
C ALA A 43 16.08 -10.00 0.47
N GLY A 44 15.21 -9.08 0.04
CA GLY A 44 14.99 -8.86 -1.37
C GLY A 44 13.74 -9.45 -1.93
N ILE A 45 12.77 -9.81 -1.06
CA ILE A 45 11.45 -10.29 -1.48
C ILE A 45 10.72 -9.08 -2.04
N LYS A 46 10.17 -9.22 -3.25
CA LYS A 46 9.45 -8.15 -3.98
C LYS A 46 8.02 -8.58 -4.27
N LYS A 47 7.12 -7.61 -4.46
CA LYS A 47 5.72 -7.83 -4.84
C LYS A 47 5.64 -8.70 -6.08
N TYR A 48 4.66 -9.62 -6.08
CA TYR A 48 4.27 -10.53 -7.17
C TYR A 48 5.28 -11.67 -7.36
N ASP A 49 6.21 -11.82 -6.40
CA ASP A 49 7.12 -12.97 -6.35
C ASP A 49 6.31 -14.21 -6.12
N VAL A 50 6.73 -15.34 -6.73
CA VAL A 50 6.08 -16.63 -6.60
C VAL A 50 6.94 -17.54 -5.72
N ILE A 51 6.37 -18.02 -4.60
CA ILE A 51 7.06 -18.97 -3.74
C ILE A 51 6.94 -20.36 -4.39
N GLU A 52 8.04 -20.87 -4.94
CA GLU A 52 8.08 -22.14 -5.62
C GLU A 52 8.32 -23.29 -4.63
N GLU A 53 9.28 -23.10 -3.70
CA GLU A 53 9.62 -24.08 -2.68
C GLU A 53 9.84 -23.39 -1.35
N ILE A 54 9.55 -24.12 -0.27
CA ILE A 54 9.77 -23.68 1.11
C ILE A 54 10.75 -24.68 1.72
N ASN A 55 11.89 -24.19 2.22
CA ASN A 55 12.96 -24.97 2.86
C ASN A 55 13.35 -26.23 2.04
N GLY A 56 13.28 -26.12 0.71
CA GLY A 56 13.62 -27.17 -0.22
C GLY A 56 12.45 -27.99 -0.73
N VAL A 57 11.27 -27.91 -0.07
CA VAL A 57 10.10 -28.68 -0.52
C VAL A 57 9.21 -27.83 -1.48
N PRO A 58 8.94 -28.33 -2.72
CA PRO A 58 8.05 -27.60 -3.65
C PRO A 58 6.64 -27.47 -3.08
N VAL A 59 6.02 -26.29 -3.28
CA VAL A 59 4.70 -25.94 -2.73
C VAL A 59 3.56 -26.76 -3.36
N THR A 60 3.83 -27.39 -4.51
CA THR A 60 2.87 -28.24 -5.21
C THR A 60 2.72 -29.58 -4.47
N GLU A 61 3.86 -30.12 -3.96
CA GLU A 61 3.99 -31.41 -3.25
C GLU A 61 3.51 -31.37 -1.78
N VAL A 62 2.73 -30.34 -1.42
CA VAL A 62 2.21 -30.08 -0.08
C VAL A 62 0.81 -29.43 -0.19
N SER A 63 -0.08 -29.70 0.78
CA SER A 63 -1.43 -29.14 0.80
C SER A 63 -1.43 -27.61 1.06
N VAL A 64 -2.43 -26.93 0.48
CA VAL A 64 -2.67 -25.48 0.58
C VAL A 64 -2.86 -25.05 2.07
N ASP A 65 -3.54 -25.91 2.87
CA ASP A 65 -3.84 -25.67 4.29
C ASP A 65 -2.59 -25.66 5.17
N GLU A 66 -1.52 -26.38 4.78
CA GLU A 66 -0.30 -26.45 5.58
C GLU A 66 0.85 -25.52 5.10
N ILE A 67 0.57 -24.60 4.14
CA ILE A 67 1.55 -23.62 3.66
C ILE A 67 1.82 -22.57 4.77
N PRO A 68 0.80 -21.97 5.47
CA PRO A 68 1.12 -20.98 6.52
C PRO A 68 2.00 -21.51 7.65
N GLN A 69 1.83 -22.79 8.05
CA GLN A 69 2.61 -23.44 9.11
C GLN A 69 4.04 -23.69 8.66
N LEU A 70 4.22 -24.08 7.37
CA LEU A 70 5.50 -24.36 6.75
C LEU A 70 6.31 -23.08 6.56
N LEU A 71 5.61 -21.95 6.40
CA LEU A 71 6.21 -20.63 6.23
C LEU A 71 6.62 -20.03 7.57
N ASN A 72 5.96 -20.46 8.67
CA ASN A 72 6.30 -20.02 10.03
C ASN A 72 6.63 -21.26 10.90
N PRO A 73 7.79 -21.92 10.70
CA PRO A 73 8.10 -23.13 11.50
C PRO A 73 8.33 -22.81 12.98
N ALA A 74 8.16 -23.83 13.84
CA ALA A 74 8.37 -23.67 15.29
C ALA A 74 9.87 -23.62 15.62
N GLY A 75 10.57 -24.73 15.36
CA GLY A 75 11.99 -24.92 15.62
C GLY A 75 12.91 -24.02 14.83
N ARG A 76 12.65 -23.90 13.52
CA ARG A 76 13.43 -23.07 12.58
C ARG A 76 13.14 -21.59 12.85
N ASN A 77 14.09 -20.71 12.48
CA ASN A 77 13.91 -19.25 12.61
C ASN A 77 14.06 -18.53 11.27
N ASP A 78 14.96 -19.03 10.41
CA ASP A 78 15.22 -18.48 9.08
C ASP A 78 14.63 -19.40 8.03
N VAL A 79 13.69 -18.88 7.21
CA VAL A 79 13.01 -19.67 6.16
C VAL A 79 13.70 -19.46 4.82
N LEU A 80 14.20 -20.54 4.23
CA LEU A 80 14.83 -20.55 2.91
C LEU A 80 13.73 -20.69 1.84
N LEU A 81 13.65 -19.70 0.94
CA LEU A 81 12.63 -19.67 -0.09
C LEU A 81 13.22 -19.79 -1.48
N THR A 82 12.54 -20.55 -2.32
CA THR A 82 12.87 -20.67 -3.73
C THR A 82 11.84 -19.80 -4.42
N ILE A 83 12.30 -18.67 -4.98
CA ILE A 83 11.43 -17.69 -5.61
C ILE A 83 11.56 -17.70 -7.13
N SER A 84 10.47 -17.35 -7.82
CA SER A 84 10.43 -17.06 -9.23
C SER A 84 9.64 -15.75 -9.45
N ASN A 85 10.10 -14.98 -10.44
CA ASN A 85 9.49 -13.73 -10.88
C ASN A 85 9.90 -13.47 -12.35
N LEU A 86 9.69 -12.25 -12.83
CA LEU A 86 10.00 -11.85 -14.22
C LEU A 86 11.50 -11.58 -14.42
N SER A 87 12.28 -11.39 -13.34
CA SER A 87 13.74 -11.19 -13.40
C SER A 87 14.43 -12.53 -13.57
N SER A 88 14.04 -13.56 -12.78
CA SER A 88 14.66 -14.88 -12.91
C SER A 88 13.67 -16.05 -12.72
N PRO A 89 13.93 -17.21 -13.34
CA PRO A 89 13.02 -18.36 -13.14
C PRO A 89 13.27 -19.10 -11.82
N SER A 90 14.44 -18.90 -11.20
CA SER A 90 14.77 -19.51 -9.92
C SER A 90 15.75 -18.63 -9.16
N LYS A 91 15.60 -18.59 -7.82
CA LYS A 91 16.39 -17.76 -6.90
C LYS A 91 16.24 -18.27 -5.47
N GLN A 92 17.37 -18.36 -4.74
CA GLN A 92 17.34 -18.77 -3.33
C GLN A 92 17.31 -17.52 -2.46
N VAL A 93 16.34 -17.44 -1.54
CA VAL A 93 16.23 -16.28 -0.65
C VAL A 93 16.06 -16.75 0.80
N LEU A 94 17.00 -16.39 1.70
CA LEU A 94 16.85 -16.73 3.10
C LEU A 94 16.14 -15.57 3.82
N VAL A 95 14.91 -15.82 4.30
CA VAL A 95 14.15 -14.78 4.97
C VAL A 95 14.21 -14.98 6.48
N LYS A 96 14.75 -13.98 7.19
CA LYS A 96 14.82 -13.97 8.65
C LYS A 96 13.43 -13.58 9.17
N LYS A 97 13.05 -14.10 10.35
CA LYS A 97 11.73 -13.83 10.92
C LYS A 97 11.74 -12.55 11.72
N ASP A 98 10.56 -11.95 11.85
CA ASP A 98 10.40 -10.74 12.64
C ASP A 98 9.56 -11.10 13.84
N CYS A 99 10.23 -11.12 15.00
CA CYS A 99 9.66 -11.56 16.25
C CYS A 99 9.54 -10.43 17.23
N LYS A 100 8.54 -10.52 18.11
CA LYS A 100 8.29 -9.57 19.20
C LYS A 100 7.69 -10.31 20.41
N LYS A 101 7.83 -9.74 21.60
CA LYS A 101 7.24 -10.33 22.81
C LYS A 101 5.71 -10.14 22.76
N SER A 102 4.93 -11.13 23.24
CA SER A 102 3.46 -11.12 23.21
C SER A 102 2.84 -9.88 23.85
N ASN A 103 3.48 -9.33 24.92
CA ASN A 103 3.01 -8.16 25.67
C ASN A 103 3.62 -6.80 25.19
N ALA A 104 4.38 -6.80 24.07
CA ALA A 104 5.03 -5.60 23.52
C ALA A 104 4.09 -4.76 22.64
N ILE A 105 4.10 -3.44 22.87
CA ILE A 105 3.39 -2.45 22.09
C ILE A 105 4.50 -1.66 21.43
N THR A 106 4.55 -1.73 20.09
CA THR A 106 5.59 -1.07 19.33
C THR A 106 5.20 0.36 18.98
N GLU A 107 6.21 1.17 18.63
CA GLU A 107 6.01 2.55 18.19
C GLU A 107 5.20 2.58 16.88
N ASP A 108 5.29 1.52 16.06
CA ASP A 108 4.50 1.41 14.82
C ASP A 108 2.99 1.29 15.20
N GLN A 109 2.68 0.47 16.22
CA GLN A 109 1.32 0.28 16.68
C GLN A 109 0.77 1.59 17.25
N LEU A 110 1.54 2.26 18.13
CA LEU A 110 1.18 3.53 18.79
C LEU A 110 1.00 4.68 17.77
N ALA A 111 1.80 4.68 16.70
CA ALA A 111 1.69 5.70 15.64
C ALA A 111 0.32 5.61 14.98
N SER A 112 -0.20 4.38 14.84
CA SER A 112 -1.52 4.10 14.28
C SER A 112 -2.62 4.43 15.27
N ALA A 113 -2.42 4.12 16.59
CA ALA A 113 -3.38 4.40 17.64
C ALA A 113 -3.54 5.91 17.91
N TYR A 114 -2.44 6.68 17.83
CA TYR A 114 -2.49 8.13 18.03
C TYR A 114 -2.43 8.92 16.68
N ALA A 115 -2.92 8.31 15.58
CA ALA A 115 -2.89 8.88 14.22
C ALA A 115 -3.58 10.24 14.07
N TYR A 117 -3.25 12.75 15.84
CA TYR A 117 -2.32 13.83 16.12
C TYR A 117 -1.82 14.35 14.76
N SER A 118 -1.67 13.40 13.78
CA SER A 118 -1.12 13.70 12.46
C SER A 118 -1.74 12.88 11.33
N LEU A 119 -3.01 13.19 10.94
CA LEU A 119 -3.69 12.52 9.83
C LEU A 119 -3.00 12.79 8.51
N GLU A 120 -2.33 13.93 8.43
CA GLU A 120 -1.52 14.43 7.33
C GLU A 120 -0.44 13.46 6.95
N THR A 121 0.06 12.69 7.94
CA THR A 121 1.15 11.74 7.72
C THR A 121 0.71 10.29 7.89
N THR A 122 -0.34 10.02 8.72
CA THR A 122 -0.74 8.64 9.06
C THR A 122 -2.20 8.36 8.82
N ASN A 123 -2.50 7.75 7.68
CA ASN A 123 -3.88 7.39 7.33
C ASN A 123 -3.95 6.26 6.32
N GLU A 124 -5.16 5.74 6.14
CA GLU A 124 -5.46 4.69 5.17
C GLU A 124 -6.64 5.11 4.33
N GLN A 125 -6.51 4.96 3.01
CA GLN A 125 -7.58 5.30 2.09
C GLN A 125 -7.68 4.23 1.01
N GLU A 126 -8.87 4.08 0.44
CA GLU A 126 -9.23 3.15 -0.61
C GLU A 126 -9.80 3.91 -1.76
N PHE A 127 -9.63 3.37 -2.97
CA PHE A 127 -10.19 3.89 -4.22
C PHE A 127 -10.33 2.74 -5.23
N VAL A 128 -11.24 2.92 -6.20
CA VAL A 128 -11.54 1.93 -7.22
C VAL A 128 -11.31 2.58 -8.59
N CYS A 129 -10.65 1.84 -9.52
CA CYS A 129 -10.35 2.34 -10.86
C CYS A 129 -11.17 1.63 -11.93
N PRO A 130 -11.61 2.39 -12.96
CA PRO A 130 -12.42 1.77 -14.01
C PRO A 130 -11.53 1.14 -15.05
N PHE A 131 -10.83 0.09 -14.63
CA PHE A 131 -9.92 -0.63 -15.51
C PHE A 131 -10.53 -1.95 -15.91
N LYS A 132 -10.60 -2.22 -17.21
CA LYS A 132 -11.02 -3.53 -17.70
C LYS A 132 -9.71 -4.27 -18.05
N THR A 133 -9.42 -5.35 -17.31
CA THR A 133 -8.19 -6.14 -17.49
C THR A 133 -8.60 -7.50 -17.97
N THR A 134 -8.15 -7.83 -19.19
CA THR A 134 -8.46 -9.05 -19.93
C THR A 134 -7.19 -9.76 -20.31
N VAL A 135 -7.16 -11.06 -20.06
CA VAL A 135 -6.02 -11.90 -20.39
C VAL A 135 -6.47 -13.03 -21.31
N THR A 136 -5.49 -13.67 -21.99
CA THR A 136 -5.66 -14.82 -22.87
C THR A 136 -6.30 -15.98 -22.07
N SER A 137 -7.11 -16.80 -22.74
CA SER A 137 -7.76 -17.92 -22.10
C SER A 137 -6.80 -19.11 -22.05
N ASP A 138 -5.67 -19.02 -22.79
CA ASP A 138 -4.59 -20.03 -22.76
C ASP A 138 -3.85 -19.89 -21.44
N GLY A 139 -3.56 -21.02 -20.80
CA GLY A 139 -2.91 -21.07 -19.50
C GLY A 139 -1.40 -20.94 -19.52
N VAL A 140 -0.86 -20.08 -20.41
CA VAL A 140 0.55 -19.83 -20.58
C VAL A 140 1.10 -19.00 -19.41
N ASP A 141 2.24 -19.43 -18.85
CA ASP A 141 2.92 -18.70 -17.80
C ASP A 141 3.58 -17.42 -18.40
N PHE A 142 3.22 -16.25 -17.84
CA PHE A 142 3.73 -14.94 -18.25
C PHE A 142 5.26 -14.82 -18.03
N GLY A 143 5.81 -15.68 -17.19
CA GLY A 143 7.25 -15.75 -16.94
C GLY A 143 8.06 -16.22 -18.14
N ASN A 144 7.39 -16.75 -19.20
CA ASN A 144 8.06 -17.20 -20.43
C ASN A 144 8.50 -16.01 -21.30
N PHE A 145 7.99 -14.81 -21.02
CA PHE A 145 8.25 -13.61 -21.80
C PHE A 145 9.13 -12.67 -20.99
N LYS A 146 10.37 -12.47 -21.42
CA LYS A 146 11.33 -11.69 -20.66
C LYS A 146 11.70 -10.32 -21.28
N THR A 147 11.43 -10.12 -22.58
CA THR A 147 11.82 -8.90 -23.29
C THR A 147 10.64 -8.25 -24.03
N PHE A 148 10.75 -6.92 -24.20
CA PHE A 148 9.72 -6.16 -24.87
C PHE A 148 10.29 -5.06 -25.73
N ALA A 149 9.43 -4.51 -26.58
CA ALA A 149 9.67 -3.38 -27.46
C ALA A 149 8.33 -2.73 -27.73
N PHE A 150 8.32 -1.46 -28.09
CA PHE A 150 7.08 -0.77 -28.38
C PHE A 150 6.76 -0.86 -29.84
N SER A 151 5.46 -0.88 -30.17
CA SER A 151 5.04 -0.91 -31.57
C SER A 151 5.26 0.50 -32.17
N THR A 152 5.43 0.56 -33.51
CA THR A 152 5.66 1.77 -34.33
C THR A 152 4.82 2.97 -33.84
N ILE A 153 5.50 4.11 -33.67
CA ILE A 153 4.86 5.33 -33.18
C ILE A 153 4.08 6.03 -34.32
N ASP A 154 2.82 6.43 -34.03
CA ASP A 154 1.99 7.23 -34.95
C ASP A 154 2.54 8.65 -34.88
N GLU A 155 3.19 9.09 -35.97
CA GLU A 155 3.88 10.38 -36.09
C GLU A 155 2.99 11.60 -35.76
N ASN A 156 1.67 11.50 -36.03
CA ASN A 156 0.66 12.52 -35.74
C ASN A 156 0.55 12.78 -34.23
N ASN A 157 0.90 11.77 -33.41
CA ASN A 157 0.85 11.82 -31.94
C ASN A 157 2.20 11.41 -31.30
N ARG A 158 3.34 11.76 -31.92
CA ARG A 158 4.69 11.39 -31.43
C ARG A 158 4.94 11.85 -29.99
N LYS A 159 4.68 13.14 -29.69
CA LYS A 159 4.90 13.73 -28.37
C LYS A 159 4.21 12.92 -27.26
N LEU A 160 2.90 12.63 -27.42
CA LEU A 160 2.06 11.88 -26.47
C LEU A 160 2.51 10.41 -26.33
N GLU A 161 2.65 9.69 -27.46
CA GLU A 161 3.04 8.27 -27.49
C GLU A 161 4.41 8.01 -26.85
N THR A 162 5.33 8.99 -26.90
CA THR A 162 6.65 8.89 -26.30
C THR A 162 6.52 8.94 -24.78
N VAL A 163 5.60 9.79 -24.25
CA VAL A 163 5.36 9.94 -22.81
C VAL A 163 4.78 8.63 -22.27
N ILE A 164 3.71 8.13 -22.91
CA ILE A 164 3.04 6.87 -22.58
C ILE A 164 4.08 5.71 -22.52
N ASN A 165 4.82 5.48 -23.59
CA ASN A 165 5.82 4.40 -23.69
C ASN A 165 6.95 4.53 -22.65
N GLU A 166 7.34 5.75 -22.29
CA GLU A 166 8.35 5.99 -21.26
C GLU A 166 7.82 5.55 -19.88
N CYS A 167 6.50 5.77 -19.61
CA CYS A 167 5.84 5.35 -18.37
C CYS A 167 5.78 3.82 -18.29
N ILE A 168 5.33 3.17 -19.39
CA ILE A 168 5.24 1.71 -19.47
C ILE A 168 6.62 1.11 -19.36
N GLU A 169 7.63 1.71 -20.04
CA GLU A 169 9.01 1.22 -19.98
C GLU A 169 9.54 1.20 -18.55
N ASN A 170 9.32 2.28 -17.77
CA ASN A 170 9.74 2.33 -16.37
C ASN A 170 9.05 1.25 -15.54
N GLU A 171 7.74 1.06 -15.74
CA GLU A 171 6.97 0.05 -14.99
C GLU A 171 7.46 -1.36 -15.22
N LEU A 172 7.70 -1.73 -16.48
CA LEU A 172 8.11 -3.07 -16.91
C LEU A 172 9.57 -3.36 -16.61
N THR A 173 10.45 -2.34 -16.74
CA THR A 173 11.86 -2.56 -16.37
C THR A 173 11.97 -2.73 -14.84
N LYS A 174 11.07 -2.09 -14.04
CA LYS A 174 11.05 -2.26 -12.57
C LYS A 174 10.61 -3.68 -12.18
N LYS A 175 9.79 -4.32 -13.03
CA LYS A 175 9.27 -5.66 -12.84
C LYS A 175 10.35 -6.74 -13.12
N GLY A 176 11.38 -6.36 -13.87
CA GLY A 176 12.48 -7.24 -14.27
C GLY A 176 12.50 -7.60 -15.74
N LEU A 177 11.62 -6.98 -16.54
CA LEU A 177 11.58 -7.17 -17.98
C LEU A 177 12.64 -6.27 -18.62
N THR A 178 13.08 -6.62 -19.83
CA THR A 178 14.12 -5.84 -20.44
C THR A 178 13.77 -5.51 -21.92
N VAL A 179 14.21 -4.32 -22.38
CA VAL A 179 13.98 -3.89 -23.76
C VAL A 179 14.95 -4.65 -24.72
N ASP A 180 14.42 -5.04 -25.89
CA ASP A 180 15.13 -5.65 -27.01
C ASP A 180 14.36 -5.27 -28.25
N ILE A 181 14.82 -4.25 -29.00
CA ILE A 181 14.10 -3.78 -30.20
C ILE A 181 14.26 -4.77 -31.35
N ALA A 182 15.36 -5.52 -31.36
CA ALA A 182 15.67 -6.49 -32.39
C ALA A 182 14.70 -7.69 -32.38
N LYS A 183 14.69 -8.50 -31.32
CA LYS A 183 13.82 -9.68 -31.28
C LYS A 183 13.05 -9.75 -29.95
N PRO A 184 12.08 -8.82 -29.72
CA PRO A 184 11.34 -8.85 -28.45
C PRO A 184 10.39 -10.05 -28.31
N ASP A 185 10.25 -10.55 -27.06
CA ASP A 185 9.32 -11.63 -26.70
C ASP A 185 7.90 -11.09 -26.77
N LEU A 186 7.76 -9.79 -26.45
CA LEU A 186 6.50 -9.04 -26.41
C LEU A 186 6.55 -7.72 -27.14
N LEU A 187 5.43 -7.36 -27.73
CA LEU A 187 5.24 -6.05 -28.33
C LEU A 187 4.20 -5.27 -27.50
N ILE A 188 4.53 -4.03 -27.08
CA ILE A 188 3.57 -3.22 -26.33
C ILE A 188 2.88 -2.25 -27.29
N GLN A 189 1.55 -2.20 -27.23
CA GLN A 189 0.70 -1.34 -28.06
C GLN A 189 -0.26 -0.54 -27.19
N THR A 190 -0.38 0.76 -27.46
CA THR A 190 -1.31 1.58 -26.70
C THR A 190 -2.33 2.18 -27.61
N PHE A 191 -3.53 2.27 -27.06
CA PHE A 191 -4.65 2.91 -27.70
C PHE A 191 -5.22 3.94 -26.71
N TYR A 192 -5.75 5.03 -27.24
CA TYR A 192 -6.28 6.15 -26.46
C TYR A 192 -7.30 6.91 -27.28
N PHE A 193 -8.18 7.60 -26.59
CA PHE A 193 -9.24 8.43 -27.15
C PHE A 193 -9.65 9.47 -26.14
N PHE A 194 -9.91 10.69 -26.63
CA PHE A 194 -10.45 11.80 -25.86
C PHE A 194 -11.29 12.70 -26.77
N ASP A 195 -12.58 12.78 -26.44
CA ASP A 195 -13.56 13.60 -27.15
C ASP A 195 -14.80 13.82 -26.30
N LYS A 196 -15.72 14.69 -26.79
CA LYS A 196 -16.97 15.03 -26.13
C LYS A 196 -17.93 13.86 -26.19
N ASN A 197 -18.77 13.73 -25.16
CA ASN A 197 -19.80 12.71 -25.08
C ASN A 197 -21.04 13.16 -25.88
N PRO A 198 -21.50 12.40 -26.91
CA PRO A 198 -22.71 12.83 -27.65
C PRO A 198 -23.95 12.86 -26.74
N ASN A 199 -24.03 11.92 -25.76
CA ASN A 199 -25.11 11.81 -24.78
C ASN A 199 -25.11 12.95 -23.71
N TYR A 200 -24.24 13.99 -23.84
CA TYR A 200 -24.22 15.15 -22.92
C TYR A 200 -25.27 16.18 -23.36
N LEU A 201 -26.22 16.51 -22.47
CA LEU A 201 -27.32 17.42 -22.81
C LEU A 201 -27.16 18.84 -22.24
N GLY A 202 -25.98 19.16 -21.73
CA GLY A 202 -25.71 20.46 -21.13
C GLY A 202 -26.43 20.59 -19.81
N ALA A 203 -26.55 19.45 -19.09
CA ALA A 203 -27.23 19.30 -17.79
C ALA A 203 -26.38 18.49 -16.79
N ASN A 204 -26.42 18.90 -15.49
CA ASN A 204 -25.71 18.28 -14.37
C ASN A 204 -26.38 18.64 -13.03
N GLU A 209 -32.40 10.31 -11.29
CA GLU A 209 -33.44 9.28 -11.13
C GLU A 209 -32.98 7.91 -11.70
N LYS A 210 -33.69 6.81 -11.32
CA LYS A 210 -33.42 5.45 -11.81
C LYS A 210 -34.50 5.10 -12.82
N GLU A 211 -34.08 4.79 -14.07
CA GLU A 211 -34.95 4.49 -15.20
C GLU A 211 -35.13 2.96 -15.40
N PRO A 212 -36.26 2.49 -15.99
CA PRO A 212 -36.40 1.05 -16.23
C PRO A 212 -35.58 0.61 -17.46
N THR A 213 -35.23 -0.68 -17.52
CA THR A 213 -34.47 -1.26 -18.62
C THR A 213 -35.44 -1.90 -19.63
N TYR A 214 -35.47 -1.36 -20.86
CA TYR A 214 -36.28 -1.94 -21.93
C TYR A 214 -35.35 -2.46 -23.01
N ARG A 215 -35.59 -3.69 -23.45
CA ARG A 215 -34.80 -4.31 -24.51
C ARG A 215 -35.74 -5.04 -25.44
N TYR A 216 -35.29 -5.31 -26.67
CA TYR A 216 -36.11 -6.04 -27.60
C TYR A 216 -35.82 -7.54 -27.47
N ASN A 217 -36.87 -8.33 -27.41
CA ASN A 217 -36.76 -9.76 -27.26
C ASN A 217 -37.29 -10.43 -28.54
N PHE A 218 -36.35 -10.90 -29.41
CA PHE A 218 -36.66 -11.50 -30.72
C PHE A 218 -37.51 -12.75 -30.57
N SER A 219 -37.32 -13.53 -29.48
CA SER A 219 -38.06 -14.76 -29.13
C SER A 219 -39.54 -14.49 -28.98
N HIS A 220 -39.91 -13.29 -28.53
CA HIS A 220 -41.31 -12.90 -28.33
C HIS A 220 -41.75 -11.78 -29.26
N SER A 221 -40.80 -11.22 -30.06
CA SER A 221 -41.02 -10.16 -31.06
C SER A 221 -41.70 -8.91 -30.42
N LYS A 222 -41.14 -8.45 -29.28
CA LYS A 222 -41.63 -7.30 -28.54
C LYS A 222 -40.58 -6.74 -27.59
N GLU A 224 -39.44 -5.47 -23.90
CA GLU A 224 -39.76 -5.99 -22.58
C GLU A 224 -38.99 -5.27 -21.52
N LYS A 225 -39.54 -5.24 -20.29
CA LYS A 225 -38.86 -4.71 -19.12
C LYS A 225 -37.91 -5.79 -18.66
N PHE A 226 -36.72 -5.40 -18.25
CA PHE A 226 -35.72 -6.36 -17.78
C PHE A 226 -35.27 -5.93 -16.40
N PRO A 227 -34.97 -6.89 -15.49
CA PRO A 227 -34.57 -6.52 -14.12
C PRO A 227 -33.11 -6.05 -14.02
N PHE A 228 -32.65 -5.21 -14.98
CA PHE A 228 -31.27 -4.75 -14.99
C PHE A 228 -31.21 -3.28 -14.63
N LEU A 229 -30.09 -2.81 -14.08
CA LEU A 229 -29.97 -1.42 -13.70
C LEU A 229 -29.63 -0.57 -14.91
N ASN A 230 -30.51 0.40 -15.25
CA ASN A 230 -30.31 1.32 -16.37
C ASN A 230 -29.61 2.59 -15.87
N TYR A 231 -28.25 2.55 -15.91
CA TYR A 231 -27.33 3.60 -15.46
C TYR A 231 -27.15 4.75 -16.51
N ALA A 232 -27.81 4.66 -17.70
CA ALA A 232 -27.75 5.60 -18.84
C ALA A 232 -27.89 7.11 -18.48
N ALA A 233 -28.51 7.44 -17.33
CA ALA A 233 -28.69 8.80 -16.83
C ALA A 233 -27.37 9.40 -16.28
N ALA A 234 -26.52 8.56 -15.63
CA ALA A 234 -25.21 8.97 -15.08
C ALA A 234 -24.18 9.20 -16.21
N GLU A 235 -24.38 8.51 -17.36
CA GLU A 235 -23.55 8.63 -18.56
C GLU A 235 -23.72 10.00 -19.19
N ALA A 236 -24.97 10.53 -19.17
CA ALA A 236 -25.35 11.83 -19.70
C ALA A 236 -24.67 13.00 -18.93
N GLU A 237 -24.31 12.79 -17.66
CA GLU A 237 -23.66 13.77 -16.77
C GLU A 237 -22.23 14.15 -17.25
N ALA A 238 -21.59 13.26 -18.06
CA ALA A 238 -20.23 13.45 -18.57
C ALA A 238 -20.21 14.23 -19.90
N GLU A 239 -19.43 15.34 -19.94
CA GLU A 239 -19.27 16.14 -21.18
C GLU A 239 -18.32 15.44 -22.10
N TYR A 240 -17.22 14.89 -21.53
CA TYR A 240 -16.10 14.24 -22.22
C TYR A 240 -15.94 12.75 -21.89
N LEU A 241 -15.34 12.02 -22.83
CA LEU A 241 -15.03 10.60 -22.70
C LEU A 241 -13.54 10.38 -22.90
N LEU A 242 -12.97 9.57 -22.00
CA LEU A 242 -11.55 9.24 -22.05
C LEU A 242 -11.36 7.73 -22.09
N GLN A 243 -10.52 7.31 -23.04
CA GLN A 243 -10.11 5.93 -23.16
C GLN A 243 -8.59 5.86 -23.16
N PHE A 244 -8.04 4.89 -22.44
CA PHE A 244 -6.61 4.66 -22.38
C PHE A 244 -6.39 3.17 -22.14
N GLY A 245 -5.62 2.55 -23.03
CA GLY A 245 -5.33 1.13 -22.95
C GLY A 245 -3.90 0.73 -23.23
N ILE A 246 -3.49 -0.39 -22.62
CA ILE A 246 -2.19 -1.03 -22.81
C ILE A 246 -2.48 -2.45 -23.33
N ARG A 247 -1.82 -2.83 -24.44
CA ARG A 247 -1.94 -4.14 -25.08
CA ARG A 247 -1.94 -4.12 -25.11
C ARG A 247 -0.58 -4.81 -25.07
N ILE A 248 -0.48 -6.04 -24.45
CA ILE A 248 0.79 -6.79 -24.40
C ILE A 248 0.67 -7.99 -25.38
N ILE A 249 1.30 -7.88 -26.56
CA ILE A 249 1.17 -8.87 -27.63
C ILE A 249 2.37 -9.82 -27.70
N ASP A 250 2.09 -11.13 -27.62
CA ASP A 250 3.03 -12.24 -27.75
C ASP A 250 3.68 -12.24 -29.13
N GLN A 251 5.01 -12.41 -29.18
CA GLN A 251 5.76 -12.50 -30.43
C GLN A 251 6.43 -13.84 -30.60
N LYS A 252 6.51 -14.66 -29.53
CA LYS A 252 7.24 -15.92 -29.61
C LYS A 252 6.40 -17.22 -29.49
N ASP A 253 5.50 -17.36 -28.49
CA ASP A 253 4.76 -18.61 -28.26
C ASP A 253 3.68 -18.82 -29.31
N ILE A 254 2.75 -17.85 -29.49
CA ILE A 254 1.67 -17.82 -30.50
C ILE A 254 1.67 -16.37 -31.01
N PRO A 255 2.53 -16.04 -31.98
CA PRO A 255 2.66 -14.63 -32.40
C PRO A 255 1.33 -13.95 -32.74
N GLY A 256 1.12 -12.75 -32.23
CA GLY A 256 -0.09 -11.97 -32.50
C GLY A 256 -1.17 -12.10 -31.44
N ARG A 257 -1.08 -13.15 -30.59
CA ARG A 257 -1.98 -13.41 -29.47
C ARG A 257 -1.81 -12.33 -28.42
N VAL A 258 -2.92 -11.70 -28.02
CA VAL A 258 -2.88 -10.70 -26.95
C VAL A 258 -2.88 -11.47 -25.64
N LEU A 259 -1.79 -11.31 -24.87
CA LEU A 259 -1.61 -11.99 -23.59
C LEU A 259 -2.38 -11.30 -22.48
N TRP A 260 -2.28 -9.98 -22.45
CA TRP A 260 -2.83 -9.13 -21.42
C TRP A 260 -3.15 -7.77 -22.01
N GLU A 261 -4.34 -7.25 -21.64
CA GLU A 261 -4.84 -5.96 -22.09
C GLU A 261 -5.56 -5.30 -20.93
N CYS A 262 -5.25 -4.02 -20.70
CA CYS A 262 -5.87 -3.21 -19.68
C CYS A 262 -6.36 -1.93 -20.31
N GLU A 263 -7.68 -1.69 -20.17
CA GLU A 263 -8.38 -0.55 -20.76
C GLU A 263 -9.07 0.24 -19.67
N ALA A 264 -8.76 1.52 -19.60
CA ALA A 264 -9.39 2.47 -18.69
C ALA A 264 -10.39 3.30 -19.48
N ASN A 265 -11.62 3.35 -18.98
CA ASN A 265 -12.71 4.14 -19.55
C ASN A 265 -13.24 5.07 -18.48
N GLU A 266 -12.94 6.36 -18.66
CA GLU A 266 -13.23 7.40 -17.69
C GLU A 266 -14.33 8.37 -18.16
N LEU A 267 -15.30 8.68 -17.28
CA LEU A 267 -16.38 9.66 -17.58
C LEU A 267 -15.96 11.01 -17.03
N LEU A 268 -15.69 11.96 -17.92
CA LEU A 268 -15.14 13.25 -17.55
C LEU A 268 -16.11 14.42 -17.52
N GLU A 269 -15.85 15.29 -16.52
CA GLU A 269 -16.53 16.55 -16.21
C GLU A 269 -15.90 17.69 -17.02
N ASP A 270 -14.55 17.74 -17.09
CA ASP A 270 -13.82 18.78 -17.84
C ASP A 270 -12.87 18.18 -18.85
N SER A 271 -12.17 19.04 -19.63
CA SER A 271 -11.13 18.63 -20.56
C SER A 271 -9.94 18.11 -19.77
N TYR A 272 -9.27 17.06 -20.28
CA TYR A 272 -8.15 16.43 -19.60
C TYR A 272 -7.09 15.88 -20.58
N ARG A 273 -5.81 16.01 -20.20
CA ARG A 273 -4.63 15.60 -20.97
C ARG A 273 -4.35 14.09 -20.83
N LEU A 274 -4.22 13.37 -21.97
CA LEU A 274 -3.96 11.92 -21.97
C LEU A 274 -2.56 11.58 -21.43
N ASP A 275 -1.58 12.50 -21.61
CA ASP A 275 -0.22 12.29 -21.10
C ASP A 275 -0.24 12.29 -19.56
N GLU A 276 -0.97 13.26 -18.96
CA GLU A 276 -1.14 13.38 -17.51
C GLU A 276 -1.87 12.16 -16.99
N TYR A 277 -2.92 11.72 -17.69
CA TYR A 277 -3.71 10.54 -17.36
C TYR A 277 -2.80 9.29 -17.32
N ALA A 278 -2.00 9.04 -18.40
CA ALA A 278 -1.06 7.91 -18.53
C ALA A 278 -0.03 7.90 -17.37
N ARG A 279 0.59 9.08 -17.07
CA ARG A 279 1.57 9.24 -15.99
C ARG A 279 1.02 8.73 -14.65
N VAL A 280 -0.24 9.04 -14.33
CA VAL A 280 -0.90 8.66 -13.07
C VAL A 280 -1.32 7.18 -13.09
N HIS A 281 -1.99 6.73 -14.15
CA HIS A 281 -2.63 5.41 -14.23
C HIS A 281 -1.80 4.28 -14.80
N VAL A 282 -0.79 4.52 -15.67
CA VAL A 282 0.09 3.43 -16.14
C VAL A 282 0.61 2.61 -14.90
N PRO A 283 1.15 3.26 -13.81
CA PRO A 283 1.63 2.47 -12.65
C PRO A 283 0.52 1.71 -11.91
N LEU A 284 -0.70 2.25 -11.85
CA LEU A 284 -1.83 1.56 -11.22
C LEU A 284 -2.31 0.38 -12.08
N CYS A 286 -0.56 -1.30 -14.44
CA CYS A 286 0.45 -2.36 -14.55
C CYS A 286 0.67 -3.14 -13.27
N GLN A 288 -1.34 -5.06 -12.13
CA GLN A 288 -1.96 -6.34 -12.43
C GLN A 288 -1.19 -7.11 -13.50
N TYR A 289 0.02 -6.65 -13.89
CA TYR A 289 0.90 -7.42 -14.77
C TYR A 289 2.12 -7.88 -13.97
N PRO A 290 2.39 -9.20 -13.78
CA PRO A 290 1.71 -10.38 -14.34
C PRO A 290 0.58 -10.97 -13.50
N TYR A 291 0.31 -10.43 -12.30
CA TYR A 291 -0.69 -10.99 -11.43
C TYR A 291 -2.00 -10.21 -11.49
N THR A 292 -2.96 -10.75 -12.28
CA THR A 292 -4.30 -10.24 -12.50
C THR A 292 -5.31 -11.02 -11.67
N LYS A 293 -6.01 -10.34 -10.73
CA LYS A 293 -7.06 -10.99 -9.96
C LYS A 293 -8.43 -10.24 -10.13
N TYR A 294 -8.43 -8.99 -10.62
CA TYR A 294 -9.66 -8.20 -10.87
C TYR A 294 -9.81 -7.88 -12.34
N GLY A 295 -10.89 -8.36 -12.94
CA GLY A 295 -11.15 -8.12 -14.35
C GLY A 295 -11.84 -6.81 -14.69
N ARG A 296 -12.67 -6.28 -13.79
CA ARG A 296 -13.45 -5.10 -14.18
C ARG A 296 -13.28 -3.82 -13.33
N ASN A 297 -13.24 -3.88 -12.00
CA ASN A 297 -13.12 -2.63 -11.23
C ASN A 297 -12.09 -2.88 -10.18
N VAL A 298 -10.86 -2.30 -10.34
CA VAL A 298 -9.75 -2.60 -9.45
C VAL A 298 -9.78 -1.81 -8.12
N PRO A 299 -9.88 -2.57 -7.00
CA PRO A 299 -9.80 -1.95 -5.68
C PRO A 299 -8.35 -1.78 -5.19
N PHE A 300 -7.98 -0.54 -4.77
CA PHE A 300 -6.67 -0.19 -4.19
C PHE A 300 -6.80 0.35 -2.78
N LYS A 301 -5.76 0.12 -1.97
CA LYS A 301 -5.61 0.60 -0.60
C LYS A 301 -4.23 1.26 -0.43
N VAL A 302 -4.23 2.56 -0.05
CA VAL A 302 -3.03 3.36 0.23
C VAL A 302 -2.92 3.57 1.75
N SER A 303 -1.84 3.06 2.34
CA SER A 303 -1.55 3.17 3.77
C SER A 303 -0.27 3.95 3.94
N LYS A 304 -0.38 5.19 4.46
CA LYS A 304 0.83 5.96 4.68
C LYS A 304 1.04 6.14 6.18
N LYS A 305 2.31 6.24 6.60
CA LYS A 305 2.67 6.41 8.02
C LYS A 305 4.07 7.01 8.17
N THR A 306 4.17 8.03 9.03
CA THR A 306 5.43 8.65 9.39
C THR A 306 5.40 8.83 10.88
N TYR A 307 6.43 8.35 11.58
CA TYR A 307 6.54 8.52 13.02
C TYR A 307 7.99 8.66 13.45
N ASN A 308 8.22 9.22 14.65
CA ASN A 308 9.54 9.29 15.27
C ASN A 308 9.82 7.93 15.88
N TYR A 309 10.89 7.27 15.39
CA TYR A 309 11.32 5.96 15.83
C TYR A 309 12.52 6.02 16.76
N THR A 310 12.41 5.36 17.93
CA THR A 310 13.47 5.23 18.93
C THR A 310 13.86 3.73 19.08
N GLY A 311 12.90 2.83 18.88
CA GLY A 311 13.13 1.40 18.99
C GLY A 311 12.59 0.77 20.24
N ILE A 312 11.93 1.56 21.11
CA ILE A 312 11.37 1.10 22.39
C ILE A 312 10.00 0.43 22.15
N SER A 313 9.81 -0.71 22.81
CA SER A 313 8.55 -1.46 22.88
C SER A 313 8.05 -1.33 24.34
N TYR A 314 6.75 -1.09 24.53
CA TYR A 314 6.15 -0.85 25.85
C TYR A 314 5.24 -2.00 26.26
N ASP A 315 5.03 -2.20 27.59
CA ASP A 315 4.16 -3.27 28.10
C ASP A 315 2.69 -2.89 27.92
N ILE A 316 1.92 -3.72 27.20
CA ILE A 316 0.49 -3.50 26.91
C ILE A 316 -0.33 -3.20 28.22
N ASP A 317 0.13 -3.73 29.37
CA ASP A 317 -0.52 -3.54 30.66
C ASP A 317 0.17 -2.38 31.42
N LYS A 318 1.43 -2.55 31.91
CA LYS A 318 2.19 -1.48 32.56
C LYS A 318 3.03 -0.72 31.49
N LEU A 319 2.42 0.30 30.85
CA LEU A 319 2.97 1.09 29.74
C LEU A 319 4.25 1.88 30.05
N ASP A 320 4.54 2.20 31.33
CA ASP A 320 5.76 2.96 31.63
C ASP A 320 7.02 2.04 31.69
N GLN A 321 6.85 0.75 31.32
CA GLN A 321 7.91 -0.26 31.33
C GLN A 321 8.35 -0.72 29.93
N VAL A 322 9.66 -0.58 29.67
CA VAL A 322 10.31 -1.00 28.44
C VAL A 322 10.36 -2.53 28.41
N VAL A 323 9.76 -3.16 27.39
CA VAL A 323 9.77 -4.62 27.30
C VAL A 323 10.85 -5.10 26.32
N ASP A 324 11.39 -4.20 25.47
CA ASP A 324 12.43 -4.50 24.47
C ASP A 324 12.97 -3.20 23.84
N VAL A 325 14.17 -3.29 23.25
CA VAL A 325 14.86 -2.18 22.56
C VAL A 325 15.49 -2.80 21.30
N ASP A 326 15.03 -2.40 20.10
CA ASP A 326 15.53 -2.90 18.81
C ASP A 326 17.05 -2.71 18.68
N ARG A 327 17.73 -3.75 18.15
CA ARG A 327 19.19 -3.88 18.06
C ARG A 327 19.92 -2.62 17.54
N ASN A 328 19.52 -2.05 16.41
CA ASN A 328 20.28 -0.92 15.83
C ASN A 328 19.42 0.31 15.77
N SER A 329 18.93 0.71 16.95
CA SER A 329 17.98 1.78 17.09
C SER A 329 18.52 2.95 17.86
N PRO A 330 17.92 4.17 17.70
CA PRO A 330 18.39 5.32 18.49
C PRO A 330 18.35 5.06 20.01
N ALA A 331 17.32 4.33 20.53
CA ALA A 331 17.20 4.04 21.97
C ALA A 331 18.28 3.09 22.45
N TYR A 332 18.69 2.13 21.59
CA TYR A 332 19.78 1.20 21.90
C TYR A 332 21.12 1.97 21.99
N ALA A 333 21.40 2.79 20.97
CA ALA A 333 22.59 3.64 20.87
C ALA A 333 22.67 4.63 22.03
N ALA A 334 21.51 5.09 22.55
CA ALA A 334 21.38 6.00 23.68
C ALA A 334 21.59 5.27 25.01
N GLY A 335 21.51 3.94 24.99
CA GLY A 335 21.72 3.11 26.17
C GLY A 335 20.50 2.66 26.93
N ILE A 336 19.30 2.80 26.34
CA ILE A 336 18.07 2.33 26.97
C ILE A 336 18.08 0.81 26.89
N ARG A 337 17.65 0.12 27.94
CA ARG A 337 17.65 -1.34 27.91
C ARG A 337 16.31 -1.91 28.41
N PRO A 338 15.92 -3.17 28.02
CA PRO A 338 14.65 -3.75 28.54
C PRO A 338 14.55 -3.72 30.06
N ARG A 339 13.31 -3.69 30.58
CA ARG A 339 12.96 -3.65 32.01
C ARG A 339 13.19 -2.24 32.63
N ASP A 340 13.66 -1.26 31.83
CA ASP A 340 13.82 0.14 32.30
C ASP A 340 12.45 0.73 32.59
N ILE A 341 12.40 1.75 33.44
CA ILE A 341 11.12 2.37 33.73
C ILE A 341 11.21 3.83 33.32
N ILE A 342 10.36 4.23 32.35
CA ILE A 342 10.31 5.59 31.85
C ILE A 342 9.49 6.43 32.83
N GLU A 343 10.15 7.42 33.44
CA GLU A 343 9.52 8.37 34.36
C GLU A 343 8.74 9.37 33.51
N LYS A 344 9.42 10.00 32.53
CA LYS A 344 8.78 10.93 31.63
C LYS A 344 9.46 11.03 30.25
N ILE A 345 8.68 11.42 29.22
CA ILE A 345 9.12 11.72 27.85
C ILE A 345 8.86 13.22 27.68
N GLY A 346 9.94 13.98 27.64
CA GLY A 346 9.89 15.42 27.59
C GLY A 346 9.47 15.94 28.95
N ARG A 347 8.27 16.53 29.03
CA ARG A 347 7.75 17.04 30.29
C ARG A 347 6.48 16.28 30.69
N HIS A 348 6.23 15.13 30.04
CA HIS A 348 5.02 14.35 30.30
C HIS A 348 5.28 13.02 30.97
N LYS A 349 4.67 12.84 32.16
CA LYS A 349 4.75 11.62 32.98
C LYS A 349 4.08 10.46 32.22
N ASP A 351 3.39 7.14 34.11
CA ASP A 351 2.78 6.22 35.09
C ASP A 351 1.21 6.26 35.07
N HIS A 352 0.61 6.07 33.88
CA HIS A 352 -0.85 6.07 33.69
C HIS A 352 -1.32 4.75 33.10
N SER A 353 -2.61 4.42 33.29
CA SER A 353 -3.22 3.20 32.73
C SER A 353 -3.54 3.42 31.26
N ALA A 354 -3.88 2.34 30.55
CA ALA A 354 -4.27 2.39 29.16
C ALA A 354 -5.57 3.20 28.98
N GLU A 355 -6.53 3.07 29.93
CA GLU A 355 -7.80 3.80 29.86
C GLU A 355 -7.62 5.27 30.23
N GLU A 356 -6.63 5.58 31.10
CA GLU A 356 -6.27 6.96 31.45
C GLU A 356 -5.79 7.71 30.18
N PHE A 357 -4.97 7.00 29.35
CA PHE A 357 -4.38 7.50 28.10
C PHE A 357 -5.43 7.59 27.01
N SER A 358 -6.24 6.53 26.86
CA SER A 358 -7.31 6.44 25.87
C SER A 358 -8.33 7.57 26.06
N SER A 359 -8.83 7.79 27.29
CA SER A 359 -9.80 8.83 27.62
C SER A 359 -9.24 10.25 27.39
N ALA A 360 -8.01 10.50 27.89
CA ALA A 360 -7.29 11.77 27.76
C ALA A 360 -7.11 12.17 26.27
N TYR A 361 -6.86 11.17 25.39
CA TYR A 361 -6.69 11.34 23.95
C TYR A 361 -8.02 11.70 23.28
N LYS A 362 -9.11 10.99 23.65
CA LYS A 362 -10.47 11.22 23.15
C LYS A 362 -10.93 12.64 23.51
N ARG A 363 -10.50 13.15 24.68
CA ARG A 363 -10.79 14.50 25.13
C ARG A 363 -10.11 15.53 24.25
N PHE A 364 -8.84 15.27 23.82
CA PHE A 364 -8.05 16.12 22.91
C PHE A 364 -8.70 16.24 21.53
N ILE A 365 -9.22 15.13 20.98
CA ILE A 365 -9.81 15.16 19.65
C ILE A 365 -11.07 16.00 19.67
N THR A 366 -11.86 15.87 20.74
CA THR A 366 -13.11 16.57 21.00
C THR A 366 -12.85 18.09 21.04
N ASN A 367 -11.92 18.49 21.92
CA ASN A 367 -11.54 19.86 22.22
C ASN A 367 -10.74 20.56 21.12
N THR A 368 -10.28 19.83 20.07
CA THR A 368 -9.53 20.44 18.97
C THR A 368 -10.26 20.29 17.63
N GLN A 370 -12.47 22.06 16.43
CA GLN A 370 -12.55 23.46 16.02
C GLN A 370 -11.34 23.91 15.17
N TYR A 371 -10.19 23.21 15.31
CA TYR A 371 -8.95 23.53 14.60
C TYR A 371 -8.71 22.67 13.36
N ARG A 372 -9.67 21.81 13.01
CA ARG A 372 -9.62 20.95 11.83
C ARG A 372 -10.12 21.72 10.60
N ASP A 373 -9.72 21.30 9.38
CA ASP A 373 -10.11 21.96 8.13
C ASP A 373 -11.18 21.10 7.42
N PRO A 374 -12.46 21.55 7.43
CA PRO A 374 -13.54 20.75 6.83
C PRO A 374 -13.46 20.63 5.32
N LYS A 375 -12.66 21.47 4.64
CA LYS A 375 -12.44 21.42 3.19
C LYS A 375 -11.63 20.18 2.80
N THR A 376 -10.94 19.55 3.77
CA THR A 376 -10.09 18.37 3.60
C THR A 376 -10.76 17.04 4.02
N PHE A 378 -12.44 13.60 4.59
CA PHE A 378 -12.45 12.40 3.79
C PHE A 378 -12.86 11.20 4.65
N THR A 379 -13.30 10.12 3.98
CA THR A 379 -13.66 8.87 4.64
C THR A 379 -12.43 7.97 4.50
N ASP A 380 -11.89 7.49 5.63
CA ASP A 380 -10.72 6.61 5.58
C ASP A 380 -11.12 5.16 5.21
N ALA A 381 -10.11 4.29 5.00
CA ALA A 381 -10.29 2.90 4.60
C ALA A 381 -11.09 2.09 5.61
N ASN A 382 -10.97 2.40 6.91
CA ASN A 382 -11.71 1.69 7.94
C ASN A 382 -13.15 2.25 8.14
N GLY A 383 -13.62 3.08 7.18
CA GLY A 383 -14.97 3.63 7.16
C GLY A 383 -15.28 4.87 7.97
N PHE A 384 -14.28 5.47 8.67
CA PHE A 384 -14.45 6.70 9.46
C PHE A 384 -14.69 7.86 8.49
N LYS A 385 -15.85 8.52 8.63
CA LYS A 385 -16.36 9.56 7.73
C LYS A 385 -15.82 10.97 7.96
N TYR A 386 -15.26 11.26 9.13
CA TYR A 386 -14.92 12.65 9.44
C TYR A 386 -13.43 12.93 9.60
N CYS A 387 -12.58 12.28 8.79
CA CYS A 387 -11.15 12.55 8.77
C CYS A 387 -10.87 13.93 8.19
N PHE A 389 -7.62 17.16 8.07
CA PHE A 389 -6.31 17.62 8.47
C PHE A 389 -6.49 18.84 9.33
N TRP A 390 -5.42 19.27 9.98
CA TRP A 390 -5.44 20.48 10.78
C TRP A 390 -5.54 21.69 9.87
N ASP A 391 -6.13 22.75 10.36
CA ASP A 391 -6.23 23.98 9.61
C ASP A 391 -4.86 24.64 9.72
N VAL A 392 -4.27 24.98 8.57
CA VAL A 392 -2.93 25.57 8.46
C VAL A 392 -2.80 26.91 9.23
N PHE A 393 -3.88 27.64 9.53
CA PHE A 393 -3.76 28.91 10.26
C PHE A 393 -3.94 28.71 11.80
N LYS A 394 -4.09 27.46 12.26
CA LYS A 394 -4.33 27.18 13.66
C LYS A 394 -3.28 26.26 14.31
N TYR A 395 -2.10 26.05 13.67
CA TYR A 395 -1.02 25.19 14.19
C TYR A 395 -0.53 25.58 15.57
N PRO A 396 -0.31 26.90 15.88
CA PRO A 396 0.15 27.26 17.23
C PRO A 396 -0.84 26.83 18.32
N GLN A 397 -2.15 26.95 18.06
CA GLN A 397 -3.23 26.59 18.99
C GLN A 397 -3.34 25.05 19.15
N ILE A 398 -3.11 24.28 18.07
CA ILE A 398 -3.13 22.81 18.08
C ILE A 398 -1.93 22.34 18.90
N ALA A 399 -0.72 22.89 18.63
CA ALA A 399 0.49 22.53 19.37
C ALA A 399 0.29 22.74 20.88
N ASP A 400 -0.31 23.89 21.30
CA ASP A 400 -0.57 24.17 22.71
C ASP A 400 -1.57 23.15 23.29
N ALA A 401 -2.72 22.94 22.62
CA ALA A 401 -3.72 21.97 23.08
C ALA A 401 -3.13 20.56 23.17
N SER A 402 -2.34 20.13 22.16
CA SER A 402 -1.71 18.81 22.11
C SER A 402 -0.78 18.52 23.28
N GLN A 403 -0.22 19.57 23.91
CA GLN A 403 0.77 19.44 24.97
C GLN A 403 0.20 19.70 26.36
N SER A 404 -1.14 19.81 26.47
CA SER A 404 -1.83 20.01 27.75
C SER A 404 -1.82 18.72 28.52
N SER A 405 -1.28 18.75 29.75
CA SER A 405 -1.14 17.63 30.68
C SER A 405 -2.46 16.87 30.89
N ASP A 406 -3.61 17.57 30.73
CA ASP A 406 -4.96 16.99 30.83
C ASP A 406 -5.18 15.90 29.75
N TYR A 407 -4.51 16.04 28.59
CA TYR A 407 -4.69 15.05 27.51
C TYR A 407 -3.61 13.96 27.51
N LEU A 408 -2.77 13.87 28.59
CA LEU A 408 -1.69 12.88 28.76
C LEU A 408 -0.95 12.69 27.41
N PRO A 409 -0.14 13.72 27.02
CA PRO A 409 0.51 13.69 25.69
C PRO A 409 1.88 13.03 25.64
N ALA A 410 2.17 12.07 26.54
CA ALA A 410 3.46 11.38 26.60
C ALA A 410 3.86 10.76 25.26
N PHE A 411 2.89 10.11 24.56
CA PHE A 411 3.17 9.46 23.29
C PHE A 411 3.19 10.42 22.11
N SER A 412 2.88 11.71 22.32
CA SER A 412 2.90 12.70 21.22
C SER A 412 4.32 12.89 20.61
N TYR A 413 5.37 12.36 21.28
CA TYR A 413 6.77 12.38 20.83
C TYR A 413 6.89 11.68 19.46
N LEU A 414 6.00 10.71 19.20
CA LEU A 414 5.92 9.98 17.94
C LEU A 414 5.72 10.92 16.78
N TYR A 415 5.13 12.13 17.04
CA TYR A 415 4.88 13.13 16.00
C TYR A 415 5.59 14.45 16.28
N TYR A 416 6.73 14.41 17.00
CA TYR A 416 7.49 15.61 17.35
C TYR A 416 8.18 16.31 16.17
N PHE A 417 8.15 15.70 14.98
CA PHE A 417 8.73 16.29 13.78
C PHE A 417 7.72 17.28 13.13
N ALA A 418 6.45 17.27 13.58
CA ALA A 418 5.36 18.10 13.04
C ALA A 418 5.22 19.39 13.85
N PRO A 419 5.06 20.58 13.19
CA PRO A 419 4.98 21.85 13.95
C PRO A 419 3.62 22.07 14.65
N TYR A 420 2.57 21.30 14.24
CA TYR A 420 1.26 21.30 14.90
C TYR A 420 1.28 20.45 16.22
N ILE A 421 2.45 19.85 16.57
CA ILE A 421 2.64 19.09 17.81
C ILE A 421 3.82 19.72 18.57
N ASN A 422 4.99 19.84 17.90
CA ASN A 422 6.21 20.40 18.47
C ASN A 422 6.66 21.65 17.70
N PRO A 423 6.25 22.85 18.18
CA PRO A 423 6.64 24.09 17.48
C PRO A 423 8.16 24.35 17.54
N SER A 424 8.82 24.10 18.71
CA SER A 424 10.28 24.25 18.88
C SER A 424 11.04 23.52 17.75
N GLY A 425 12.16 24.10 17.32
CA GLY A 425 12.97 23.53 16.23
C GLY A 425 13.93 22.43 16.67
N ASN A 426 13.44 21.55 17.55
CA ASN A 426 14.24 20.48 18.11
C ASN A 426 13.45 19.19 18.22
N ASN A 427 13.75 18.26 17.29
CA ASN A 427 13.12 16.94 17.23
C ASN A 427 13.73 15.96 18.27
N ALA A 428 14.81 16.34 18.97
CA ALA A 428 15.41 15.51 20.01
C ALA A 428 14.52 15.44 21.26
N CYS A 429 14.19 14.23 21.71
CA CYS A 429 13.29 13.96 22.84
C CYS A 429 14.07 13.54 24.06
N THR A 430 13.64 14.03 25.22
CA THR A 430 14.27 13.74 26.51
C THR A 430 13.56 12.57 27.15
N PHE A 431 14.31 11.52 27.45
CA PHE A 431 13.79 10.34 28.13
C PHE A 431 14.42 10.23 29.53
N ASN A 432 13.57 10.33 30.57
CA ASN A 432 13.94 10.22 31.98
C ASN A 432 13.60 8.83 32.45
N ILE A 433 14.63 8.00 32.62
CA ILE A 433 14.42 6.61 33.03
C ILE A 433 14.95 6.35 34.46
N LYS A 434 14.57 5.19 35.02
CA LYS A 434 14.99 4.74 36.35
C LYS A 434 15.16 3.22 36.33
N ARG A 435 16.42 2.74 36.41
CA ARG A 435 16.71 1.30 36.47
C ARG A 435 17.16 0.97 37.91
N GLY A 436 16.23 0.42 38.68
CA GLY A 436 16.43 0.11 40.09
C GLY A 436 16.17 1.37 40.90
N LYS A 437 17.24 2.03 41.35
CA LYS A 437 17.16 3.30 42.10
C LYS A 437 18.01 4.38 41.38
N THR A 438 18.82 3.97 40.38
CA THR A 438 19.66 4.86 39.56
C THR A 438 18.78 5.56 38.50
N LYS A 439 18.74 6.90 38.55
CA LYS A 439 17.91 7.70 37.65
C LYS A 439 18.76 8.44 36.62
N LEU A 440 18.51 8.15 35.34
CA LEU A 440 19.23 8.72 34.21
C LEU A 440 18.31 9.48 33.23
N GLU A 441 18.89 10.49 32.58
CA GLU A 441 18.25 11.33 31.56
C GLU A 441 19.05 11.18 30.27
N VAL A 442 18.40 10.69 29.20
CA VAL A 442 19.10 10.55 27.94
C VAL A 442 18.29 11.27 26.85
N ILE A 443 18.99 11.93 25.92
CA ILE A 443 18.36 12.66 24.83
C ILE A 443 18.41 11.76 23.62
N ILE A 444 17.23 11.37 23.10
CA ILE A 444 17.16 10.48 21.96
C ILE A 444 16.75 11.27 20.75
N ARG A 445 17.62 11.39 19.76
CA ARG A 445 17.20 12.00 18.51
C ARG A 445 16.63 10.86 17.68
N PRO A 446 15.32 10.86 17.41
CA PRO A 446 14.75 9.74 16.67
C PRO A 446 15.06 9.84 15.19
N THR A 447 14.83 8.73 14.52
CA THR A 447 14.93 8.63 13.08
C THR A 447 13.51 8.66 12.60
N ILE A 448 13.29 9.15 11.41
CA ILE A 448 11.94 9.30 10.90
C ILE A 448 11.65 8.12 10.00
N ARG A 449 10.69 7.31 10.44
CA ARG A 449 10.26 6.15 9.68
C ARG A 449 9.13 6.63 8.87
N SER A 450 9.29 6.55 7.56
CA SER A 450 8.30 6.94 6.57
C SER A 450 8.01 5.75 5.69
N GLU A 451 6.74 5.54 5.38
CA GLU A 451 6.29 4.40 4.58
C GLU A 451 4.95 4.67 3.91
N VAL A 452 4.84 4.21 2.66
CA VAL A 452 3.63 4.21 1.83
C VAL A 452 3.50 2.81 1.23
N THR A 453 2.35 2.16 1.44
CA THR A 453 2.00 0.88 0.85
C THR A 453 0.83 1.12 -0.08
N VAL A 454 1.00 0.80 -1.37
CA VAL A 454 -0.06 0.89 -2.38
C VAL A 454 -0.30 -0.54 -2.78
N GLU A 455 -1.43 -1.09 -2.34
CA GLU A 455 -1.76 -2.51 -2.53
C GLU A 455 -3.09 -2.72 -3.26
N ILE A 456 -3.20 -3.78 -4.09
CA ILE A 456 -4.47 -4.15 -4.69
C ILE A 456 -5.12 -5.02 -3.61
N LYS A 457 -6.31 -4.61 -3.11
CA LYS A 457 -7.07 -5.26 -2.01
C LYS A 457 -7.14 -6.80 -2.16
#